data_6EV0
#
_entry.id   6EV0
#
_cell.length_a   56.734
_cell.length_b   80.514
_cell.length_c   62.578
_cell.angle_alpha   90.00
_cell.angle_beta   113.93
_cell.angle_gamma   90.00
#
_symmetry.space_group_name_H-M   'P 1 21 1'
#
loop_
_entity.id
_entity.type
_entity.pdbx_description
1 polymer 'Listeriolysin regulatory protein'
2 non-polymer [(3~{R})-3-carboxy-7-(naphthalen-1-ylmethyl)-5-oxidanylidene-2,3-dihydro-[1,3]thiazolo[3,2-a]pyridin-8-yl]-dimethyl-azanium
3 non-polymer 'ISOPROPYL ALCOHOL'
4 non-polymer [(3~{S})-3-carboxy-7-(naphthalen-1-ylmethyl)-5-oxidanylidene-2,3-dihydro-[1,3]thiazolo[3,2-a]pyridin-8-yl]-dimethyl-azanium
5 water water
#
_entity_poly.entity_id   1
_entity_poly.type   'polypeptide(L)'
_entity_poly.pdbx_seq_one_letter_code
;GAMNAQAEEFKKYLETNGIKPKQFHKKELIFNQWDPQEYCIFLYDGITKLTSISENGTIMNLQYYKGAFVIMSGFIDTET
SVGYYNLEVISEQATAYVIKINELKELLSKNLTHFFYVFQTLQKQVSYSLAKFNDFSINGKLGSICGQLLILTYVYGKET
PDGIKITLDNLTMQELGYSSGIAHSSAVSRIISKLKQEKVIVYKNSCFYVQNLDYLKRYAPKLDEWFYLACPATWGKLN
;
_entity_poly.pdbx_strand_id   A,B
#
loop_
_chem_comp.id
_chem_comp.type
_chem_comp.name
_chem_comp.formula
BYK non-polymer [(3~{R})-3-carboxy-7-(naphthalen-1-ylmethyl)-5-oxidanylidene-2,3-dihydro-[1,3]thiazolo[3,2-a]pyridin-8-yl]-dimethyl-azanium 'C21 H21 N2 O3 S 1'
C8N non-polymer [(3~{S})-3-carboxy-7-(naphthalen-1-ylmethyl)-5-oxidanylidene-2,3-dihydro-[1,3]thiazolo[3,2-a]pyridin-8-yl]-dimethyl-azanium 'C21 H21 N2 O3 S 1'
IPA non-polymer 'ISOPROPYL ALCOHOL' 'C3 H8 O'
#
# COMPACT_ATOMS: atom_id res chain seq x y z
N ASN A 4 -22.14 -8.77 -1.07
CA ASN A 4 -21.75 -7.38 -1.02
C ASN A 4 -22.78 -6.50 -1.75
N ALA A 5 -23.59 -5.78 -0.98
CA ALA A 5 -24.65 -4.97 -1.57
C ALA A 5 -24.08 -3.81 -2.37
N GLN A 6 -23.08 -3.11 -1.82
CA GLN A 6 -22.53 -1.95 -2.51
C GLN A 6 -21.95 -2.34 -3.86
N ALA A 7 -21.50 -3.59 -4.02
CA ALA A 7 -20.96 -4.02 -5.30
C ALA A 7 -22.07 -4.25 -6.32
N GLU A 8 -23.18 -4.86 -5.90
CA GLU A 8 -24.31 -5.05 -6.80
C GLU A 8 -24.87 -3.71 -7.26
N GLU A 9 -24.98 -2.75 -6.34
CA GLU A 9 -25.43 -1.41 -6.72
C GLU A 9 -24.49 -0.79 -7.74
N PHE A 10 -23.18 -1.02 -7.59
CA PHE A 10 -22.21 -0.52 -8.56
C PHE A 10 -22.32 -1.29 -9.87
N LYS A 11 -22.52 -2.61 -9.80
CA LYS A 11 -22.69 -3.40 -11.01
C LYS A 11 -23.86 -2.88 -11.83
N LYS A 12 -25.06 -2.84 -11.23
CA LYS A 12 -26.23 -2.35 -11.95
C LYS A 12 -26.04 -0.92 -12.42
N TYR A 13 -25.25 -0.13 -11.68
CA TYR A 13 -24.99 1.25 -12.09
C TYR A 13 -24.15 1.32 -13.36
N LEU A 14 -23.22 0.37 -13.53
CA LEU A 14 -22.39 0.36 -14.74
C LEU A 14 -23.19 -0.14 -15.95
N GLU A 15 -23.98 -1.20 -15.76
CA GLU A 15 -24.78 -1.72 -16.86
C GLU A 15 -25.78 -0.68 -17.36
N THR A 16 -26.48 -0.01 -16.43
CA THR A 16 -27.44 1.02 -16.80
C THR A 16 -26.78 2.24 -17.45
N ASN A 17 -25.44 2.37 -17.41
CA ASN A 17 -24.73 3.48 -18.02
C ASN A 17 -24.01 3.09 -19.30
N GLY A 18 -24.30 1.89 -19.85
CA GLY A 18 -23.75 1.47 -21.10
C GLY A 18 -22.64 0.44 -20.99
N ILE A 19 -21.85 0.49 -19.91
CA ILE A 19 -20.73 -0.44 -19.76
C ILE A 19 -21.27 -1.84 -19.54
N LYS A 20 -20.83 -2.79 -20.36
CA LYS A 20 -21.33 -4.15 -20.34
C LYS A 20 -20.26 -5.10 -19.81
N PRO A 21 -20.67 -6.21 -19.18
CA PRO A 21 -19.69 -7.14 -18.63
C PRO A 21 -18.89 -7.83 -19.73
N LYS A 22 -17.70 -8.30 -19.34
CA LYS A 22 -16.83 -9.05 -20.23
C LYS A 22 -16.30 -10.27 -19.49
N GLN A 23 -16.24 -11.39 -20.19
CA GLN A 23 -15.79 -12.65 -19.60
C GLN A 23 -14.33 -12.90 -19.98
N PHE A 24 -13.54 -13.33 -19.00
CA PHE A 24 -12.13 -13.65 -19.21
C PHE A 24 -11.86 -15.05 -18.67
N HIS A 25 -10.96 -15.75 -19.33
CA HIS A 25 -10.55 -17.09 -18.92
C HIS A 25 -9.13 -17.06 -18.36
N LYS A 26 -8.75 -18.16 -17.72
CA LYS A 26 -7.48 -18.23 -17.01
C LYS A 26 -6.33 -17.86 -17.96
N LYS A 27 -5.28 -17.29 -17.37
CA LYS A 27 -4.06 -16.85 -18.05
C LYS A 27 -4.28 -15.64 -18.94
N GLU A 28 -5.51 -15.15 -19.07
CA GLU A 28 -5.77 -13.97 -19.90
C GLU A 28 -5.57 -12.70 -19.08
N LEU A 29 -5.10 -11.65 -19.75
CA LEU A 29 -4.74 -10.40 -19.11
C LEU A 29 -5.83 -9.37 -19.38
N ILE A 30 -6.52 -8.95 -18.32
CA ILE A 30 -7.51 -7.87 -18.46
C ILE A 30 -6.85 -6.61 -18.99
N PHE A 31 -5.68 -6.26 -18.45
CA PHE A 31 -4.86 -5.21 -19.01
C PHE A 31 -3.41 -5.58 -18.81
N ASN A 32 -2.53 -4.97 -19.61
CA ASN A 32 -1.12 -5.31 -19.63
C ASN A 32 -0.28 -4.09 -19.29
N GLN A 33 1.00 -4.33 -19.04
CA GLN A 33 1.94 -3.30 -18.64
C GLN A 33 2.43 -2.44 -19.81
N TRP A 34 2.00 -2.75 -21.04
CA TRP A 34 2.42 -1.98 -22.20
C TRP A 34 1.29 -1.17 -22.82
N ASP A 35 0.05 -1.44 -22.45
CA ASP A 35 -1.09 -0.70 -22.98
C ASP A 35 -0.95 0.78 -22.63
N PRO A 36 -0.84 1.68 -23.61
CA PRO A 36 -0.79 3.12 -23.28
C PRO A 36 -2.12 3.68 -22.81
N GLN A 37 -3.18 2.88 -22.76
CA GLN A 37 -4.48 3.30 -22.28
C GLN A 37 -4.70 2.72 -20.89
N GLU A 38 -4.94 3.60 -19.92
CA GLU A 38 -5.23 3.18 -18.56
C GLU A 38 -6.73 2.98 -18.39
N TYR A 39 -7.09 2.04 -17.51
CA TYR A 39 -8.48 1.66 -17.32
C TYR A 39 -8.80 1.60 -15.83
N CYS A 40 -10.09 1.43 -15.54
CA CYS A 40 -10.57 1.08 -14.22
C CYS A 40 -11.32 -0.24 -14.33
N ILE A 41 -10.80 -1.28 -13.68
CA ILE A 41 -11.38 -2.62 -13.76
C ILE A 41 -12.25 -2.83 -12.55
N PHE A 42 -13.52 -3.16 -12.78
CA PHE A 42 -14.42 -3.59 -11.72
C PHE A 42 -14.55 -5.11 -11.81
N LEU A 43 -13.56 -5.81 -11.25
CA LEU A 43 -13.60 -7.25 -11.18
C LEU A 43 -14.82 -7.69 -10.39
N TYR A 44 -15.89 -8.09 -11.09
CA TYR A 44 -17.11 -8.49 -10.40
C TYR A 44 -16.97 -9.88 -9.81
N ASP A 45 -16.46 -10.84 -10.59
CA ASP A 45 -16.29 -12.21 -10.13
C ASP A 45 -14.99 -12.77 -10.67
N GLY A 46 -14.41 -13.69 -9.92
CA GLY A 46 -13.17 -14.34 -10.27
C GLY A 46 -12.00 -13.83 -9.44
N ILE A 47 -10.90 -14.57 -9.56
CA ILE A 47 -9.65 -14.23 -8.88
C ILE A 47 -8.63 -13.83 -9.93
N THR A 48 -7.89 -12.77 -9.66
CA THR A 48 -6.90 -12.24 -10.58
C THR A 48 -5.57 -12.08 -9.85
N LYS A 49 -4.57 -11.62 -10.58
CA LYS A 49 -3.21 -11.52 -10.07
C LYS A 49 -2.52 -10.34 -10.73
N LEU A 50 -1.97 -9.43 -9.92
CA LEU A 50 -1.23 -8.29 -10.42
C LEU A 50 0.25 -8.68 -10.52
N THR A 51 0.80 -8.57 -11.73
CA THR A 51 2.17 -8.99 -12.00
C THR A 51 2.96 -7.87 -12.65
N SER A 52 4.28 -7.98 -12.57
CA SER A 52 5.19 -7.07 -13.25
C SER A 52 6.28 -7.90 -13.91
N ILE A 53 6.60 -7.57 -15.16
CA ILE A 53 7.60 -8.29 -15.94
C ILE A 53 8.79 -7.36 -16.13
N SER A 54 9.95 -7.78 -15.64
CA SER A 54 11.17 -7.01 -15.86
C SER A 54 11.58 -7.09 -17.33
N GLU A 55 12.28 -6.06 -17.79
CA GLU A 55 12.69 -6.00 -19.19
C GLU A 55 13.51 -7.21 -19.60
N ASN A 56 14.10 -7.93 -18.64
CA ASN A 56 14.82 -9.16 -18.93
C ASN A 56 13.94 -10.39 -18.99
N GLY A 57 12.64 -10.25 -18.69
CA GLY A 57 11.70 -11.35 -18.75
C GLY A 57 11.28 -11.93 -17.41
N THR A 58 11.84 -11.43 -16.31
CA THR A 58 11.48 -11.95 -15.00
C THR A 58 10.03 -11.64 -14.67
N ILE A 59 9.33 -12.64 -14.13
CA ILE A 59 7.93 -12.49 -13.73
C ILE A 59 7.88 -12.29 -12.22
N MET A 60 7.01 -11.39 -11.78
CA MET A 60 6.92 -11.02 -10.36
C MET A 60 5.46 -10.80 -10.01
N ASN A 61 4.98 -11.53 -9.01
CA ASN A 61 3.63 -11.33 -8.49
C ASN A 61 3.64 -10.21 -7.46
N LEU A 62 2.58 -9.39 -7.48
CA LEU A 62 2.51 -8.22 -6.62
C LEU A 62 1.22 -8.06 -5.82
N GLN A 63 0.15 -8.75 -6.18
CA GLN A 63 -1.10 -8.63 -5.43
C GLN A 63 -2.18 -9.53 -6.02
N TYR A 64 -3.00 -10.12 -5.17
CA TYR A 64 -4.15 -10.90 -5.59
C TYR A 64 -5.42 -10.09 -5.37
N TYR A 65 -6.33 -10.14 -6.33
CA TYR A 65 -7.62 -9.47 -6.25
C TYR A 65 -8.73 -10.49 -6.50
N LYS A 66 -9.83 -10.34 -5.79
CA LYS A 66 -11.02 -11.13 -6.02
C LYS A 66 -12.21 -10.20 -6.19
N GLY A 67 -13.21 -10.66 -6.93
CA GLY A 67 -14.40 -9.86 -7.12
C GLY A 67 -15.35 -10.03 -5.95
N ALA A 68 -16.10 -8.98 -5.59
CA ALA A 68 -16.10 -7.69 -6.27
C ALA A 68 -14.96 -6.81 -5.75
N PHE A 69 -14.28 -6.12 -6.66
CA PHE A 69 -13.23 -5.18 -6.26
C PHE A 69 -12.87 -4.33 -7.47
N VAL A 70 -12.21 -3.21 -7.19
CA VAL A 70 -11.82 -2.24 -8.21
C VAL A 70 -10.30 -2.20 -8.30
N ILE A 71 -9.78 -2.23 -9.52
CA ILE A 71 -8.35 -2.14 -9.77
C ILE A 71 -8.15 -1.11 -10.88
N MET A 72 -7.42 -0.05 -10.58
CA MET A 72 -7.23 1.07 -11.50
C MET A 72 -5.75 1.16 -11.87
N SER A 73 -5.47 1.12 -13.17
CA SER A 73 -4.10 1.21 -13.68
C SER A 73 -3.68 2.64 -13.99
N GLY A 74 -4.58 3.61 -13.87
CA GLY A 74 -4.24 4.99 -14.07
C GLY A 74 -4.82 5.86 -12.97
N PHE A 75 -4.16 7.01 -12.77
CA PHE A 75 -4.65 7.97 -11.79
C PHE A 75 -5.97 8.58 -12.25
N ILE A 76 -6.87 8.82 -11.31
CA ILE A 76 -8.21 9.28 -11.66
C ILE A 76 -8.18 10.67 -12.28
N ASP A 77 -7.21 11.50 -11.90
CA ASP A 77 -7.13 12.88 -12.38
C ASP A 77 -6.21 13.02 -13.59
N THR A 78 -4.91 12.75 -13.41
CA THR A 78 -3.97 12.91 -14.52
C THR A 78 -4.19 11.89 -15.62
N GLU A 79 -4.88 10.78 -15.33
CA GLU A 79 -5.19 9.73 -16.29
C GLU A 79 -3.94 9.03 -16.82
N THR A 80 -2.78 9.29 -16.22
CA THR A 80 -1.56 8.59 -16.60
C THR A 80 -1.39 7.33 -15.77
N SER A 81 -0.42 6.52 -16.15
CA SER A 81 -0.21 5.23 -15.50
C SER A 81 0.26 5.41 -14.06
N VAL A 82 -0.32 4.62 -13.15
CA VAL A 82 0.18 4.54 -11.79
C VAL A 82 1.38 3.61 -11.67
N GLY A 83 1.65 2.83 -12.70
CA GLY A 83 2.72 1.86 -12.68
C GLY A 83 2.47 0.81 -13.75
N TYR A 84 3.54 0.25 -14.32
CA TYR A 84 3.41 -0.69 -15.42
C TYR A 84 3.16 -2.09 -14.83
N TYR A 85 1.93 -2.56 -14.95
CA TYR A 85 1.54 -3.85 -14.38
C TYR A 85 0.64 -4.58 -15.36
N ASN A 86 0.48 -5.87 -15.11
CA ASN A 86 -0.51 -6.70 -15.79
C ASN A 86 -1.51 -7.23 -14.76
N LEU A 87 -2.72 -7.52 -15.22
CA LEU A 87 -3.76 -8.12 -14.37
C LEU A 87 -4.18 -9.44 -15.01
N GLU A 88 -3.67 -10.54 -14.46
CA GLU A 88 -3.90 -11.87 -15.02
C GLU A 88 -4.99 -12.60 -14.24
N VAL A 89 -5.86 -13.28 -14.98
CA VAL A 89 -6.91 -14.10 -14.37
C VAL A 89 -6.27 -15.42 -13.91
N ILE A 90 -6.52 -15.78 -12.65
CA ILE A 90 -5.89 -16.95 -12.06
C ILE A 90 -6.92 -18.08 -11.95
N SER A 91 -8.20 -17.72 -11.80
CA SER A 91 -9.24 -18.72 -11.68
C SER A 91 -9.66 -19.21 -13.06
N GLU A 92 -10.59 -20.16 -13.09
CA GLU A 92 -11.06 -20.72 -14.35
C GLU A 92 -11.56 -19.63 -15.28
N GLN A 93 -12.43 -18.75 -14.78
CA GLN A 93 -12.88 -17.60 -15.54
C GLN A 93 -13.12 -16.45 -14.57
N ALA A 94 -13.50 -15.30 -15.14
CA ALA A 94 -13.73 -14.11 -14.34
C ALA A 94 -14.55 -13.12 -15.15
N THR A 95 -15.35 -12.32 -14.44
CA THR A 95 -16.19 -11.30 -15.03
C THR A 95 -15.68 -9.93 -14.59
N ALA A 96 -15.48 -9.03 -15.54
CA ALA A 96 -14.91 -7.73 -15.24
C ALA A 96 -15.53 -6.68 -16.16
N TYR A 97 -15.77 -5.49 -15.61
CA TYR A 97 -16.28 -4.35 -16.36
C TYR A 97 -15.11 -3.43 -16.63
N VAL A 98 -14.62 -3.43 -17.86
CA VAL A 98 -13.51 -2.57 -18.25
C VAL A 98 -14.05 -1.17 -18.50
N ILE A 99 -13.42 -0.17 -17.88
CA ILE A 99 -13.85 1.22 -17.99
C ILE A 99 -12.60 2.07 -18.23
N LYS A 100 -12.64 2.87 -19.30
CA LYS A 100 -11.57 3.83 -19.52
C LYS A 100 -11.50 4.80 -18.36
N ILE A 101 -10.28 5.21 -18.00
CA ILE A 101 -10.10 6.03 -16.81
C ILE A 101 -10.87 7.34 -16.92
N ASN A 102 -11.14 7.79 -18.15
CA ASN A 102 -11.89 9.03 -18.32
C ASN A 102 -13.38 8.84 -18.06
N GLU A 103 -13.94 7.69 -18.48
CA GLU A 103 -15.34 7.42 -18.25
C GLU A 103 -15.66 7.26 -16.76
N LEU A 104 -14.65 6.99 -15.93
CA LEU A 104 -14.89 6.79 -14.50
C LEU A 104 -15.16 8.11 -13.79
N LYS A 105 -14.41 9.16 -14.14
CA LYS A 105 -14.61 10.45 -13.48
C LYS A 105 -16.05 10.92 -13.58
N GLU A 106 -16.73 10.60 -14.68
CA GLU A 106 -18.13 10.98 -14.82
C GLU A 106 -19.04 10.01 -14.09
N LEU A 107 -18.80 8.70 -14.26
CA LEU A 107 -19.62 7.71 -13.57
C LEU A 107 -19.64 7.93 -12.07
N LEU A 108 -18.55 8.44 -11.50
CA LEU A 108 -18.48 8.69 -10.06
C LEU A 108 -18.89 10.11 -9.70
N SER A 109 -18.72 11.07 -10.60
CA SER A 109 -19.19 12.42 -10.34
C SER A 109 -20.71 12.51 -10.32
N LYS A 110 -21.39 11.56 -10.96
CA LYS A 110 -22.85 11.52 -10.94
C LYS A 110 -23.41 10.79 -9.74
N ASN A 111 -22.58 10.12 -8.95
CA ASN A 111 -23.05 9.35 -7.81
C ASN A 111 -21.95 9.33 -6.74
N LEU A 112 -22.26 9.89 -5.57
CA LEU A 112 -21.31 9.89 -4.47
C LEU A 112 -21.28 8.56 -3.74
N THR A 113 -22.40 7.86 -3.64
CA THR A 113 -22.42 6.55 -3.00
C THR A 113 -21.41 5.61 -3.65
N HIS A 114 -21.40 5.57 -4.98
CA HIS A 114 -20.44 4.73 -5.69
C HIS A 114 -19.04 5.33 -5.68
N PHE A 115 -18.95 6.66 -5.68
CA PHE A 115 -17.65 7.31 -5.51
C PHE A 115 -17.01 6.88 -4.18
N PHE A 116 -17.76 6.99 -3.09
CA PHE A 116 -17.27 6.52 -1.80
C PHE A 116 -16.90 5.05 -1.86
N TYR A 117 -17.69 4.24 -2.59
CA TYR A 117 -17.39 2.83 -2.70
C TYR A 117 -16.02 2.60 -3.33
N VAL A 118 -15.72 3.29 -4.42
CA VAL A 118 -14.42 3.13 -5.04
C VAL A 118 -13.33 3.65 -4.13
N PHE A 119 -13.59 4.75 -3.43
CA PHE A 119 -12.60 5.31 -2.52
C PHE A 119 -12.18 4.28 -1.48
N GLN A 120 -13.15 3.60 -0.86
CA GLN A 120 -12.83 2.68 0.22
C GLN A 120 -12.03 1.47 -0.29
N THR A 121 -12.20 1.08 -1.55
CA THR A 121 -11.39 -0.01 -2.09
C THR A 121 -9.91 0.34 -2.01
N LEU A 122 -9.56 1.59 -2.32
CA LEU A 122 -8.18 2.04 -2.16
C LEU A 122 -7.75 1.95 -0.70
N GLN A 123 -8.56 2.51 0.20
CA GLN A 123 -8.22 2.49 1.63
C GLN A 123 -7.94 1.07 2.11
N LYS A 124 -8.74 0.11 1.65
CA LYS A 124 -8.52 -1.28 2.05
C LYS A 124 -7.20 -1.81 1.52
N GLN A 125 -6.75 -1.32 0.36
CA GLN A 125 -5.43 -1.71 -0.14
C GLN A 125 -4.33 -1.07 0.69
N VAL A 126 -4.47 0.22 1.00
CA VAL A 126 -3.49 0.90 1.83
C VAL A 126 -3.35 0.20 3.18
N SER A 127 -4.47 0.01 3.87
CA SER A 127 -4.41 -0.63 5.18
C SER A 127 -3.93 -2.08 5.06
N TYR A 128 -4.28 -2.75 3.97
CA TYR A 128 -3.76 -4.10 3.73
C TYR A 128 -2.24 -4.07 3.60
N SER A 129 -1.71 -3.09 2.88
CA SER A 129 -0.27 -3.00 2.68
C SER A 129 0.45 -2.72 3.99
N LEU A 130 -0.07 -1.80 4.80
CA LEU A 130 0.58 -1.48 6.06
C LEU A 130 0.59 -2.69 6.99
N ALA A 131 -0.53 -3.41 7.06
CA ALA A 131 -0.56 -4.62 7.88
C ALA A 131 0.41 -5.67 7.34
N LYS A 132 0.55 -5.76 6.04
CA LYS A 132 1.44 -6.75 5.51
C LYS A 132 2.88 -6.36 5.75
N PHE A 133 3.22 -5.10 5.60
CA PHE A 133 4.57 -4.66 5.93
C PHE A 133 4.86 -4.85 7.41
N ASN A 134 3.85 -4.71 8.26
CA ASN A 134 4.04 -4.90 9.69
C ASN A 134 4.40 -6.36 10.01
N ASP A 135 3.58 -7.30 9.54
CA ASP A 135 3.80 -8.70 9.87
C ASP A 135 5.10 -9.23 9.27
N PHE A 136 5.56 -8.63 8.17
CA PHE A 136 6.86 -9.00 7.62
C PHE A 136 8.00 -8.41 8.45
N SER A 137 7.81 -7.21 8.99
CA SER A 137 8.83 -6.59 9.82
C SER A 137 9.06 -7.37 11.11
N ILE A 138 8.11 -8.21 11.52
CA ILE A 138 8.22 -8.95 12.77
C ILE A 138 8.62 -10.40 12.53
N ASN A 139 8.04 -11.05 11.52
CA ASN A 139 8.26 -12.47 11.29
C ASN A 139 8.78 -12.77 9.88
N GLY A 140 9.20 -11.76 9.13
CA GLY A 140 9.77 -12.00 7.82
C GLY A 140 8.81 -12.75 6.92
N LYS A 141 9.36 -13.67 6.12
CA LYS A 141 8.55 -14.44 5.18
C LYS A 141 7.55 -15.34 5.89
N LEU A 142 7.81 -15.72 7.13
CA LEU A 142 6.85 -16.52 7.88
C LEU A 142 5.54 -15.77 8.08
N GLY A 143 5.62 -14.48 8.39
CA GLY A 143 4.42 -13.68 8.54
C GLY A 143 3.67 -13.50 7.24
N SER A 144 4.38 -13.40 6.12
CA SER A 144 3.73 -13.25 4.82
C SER A 144 2.97 -14.52 4.45
N ILE A 145 3.65 -15.67 4.51
CA ILE A 145 3.01 -16.93 4.18
C ILE A 145 1.79 -17.16 5.07
N CYS A 146 1.98 -17.06 6.38
CA CYS A 146 0.86 -17.19 7.30
C CYS A 146 -0.23 -16.18 6.97
N GLY A 147 0.16 -14.95 6.61
CA GLY A 147 -0.83 -13.95 6.26
C GLY A 147 -1.70 -14.38 5.09
N GLN A 148 -1.07 -14.86 4.01
CA GLN A 148 -1.83 -15.28 2.84
C GLN A 148 -2.74 -16.45 3.17
N LEU A 149 -2.22 -17.45 3.88
CA LEU A 149 -3.06 -18.57 4.30
C LEU A 149 -4.22 -18.09 5.17
N LEU A 150 -3.95 -17.16 6.08
CA LEU A 150 -5.00 -16.65 6.95
C LEU A 150 -6.16 -16.09 6.13
N ILE A 151 -5.85 -15.32 5.08
CA ILE A 151 -6.91 -14.71 4.28
C ILE A 151 -7.65 -15.77 3.48
N LEU A 152 -6.92 -16.75 2.92
CA LEU A 152 -7.58 -17.83 2.20
C LEU A 152 -8.54 -18.59 3.11
N THR A 153 -8.15 -18.79 4.38
CA THR A 153 -9.01 -19.49 5.32
C THR A 153 -10.27 -18.71 5.61
N TYR A 154 -10.16 -17.39 5.76
CA TYR A 154 -11.33 -16.57 6.06
C TYR A 154 -12.26 -16.47 4.86
N VAL A 155 -11.71 -16.36 3.66
CA VAL A 155 -12.53 -16.10 2.48
C VAL A 155 -13.11 -17.40 1.93
N TYR A 156 -12.28 -18.43 1.79
CA TYR A 156 -12.67 -19.67 1.15
C TYR A 156 -12.71 -20.86 2.09
N GLY A 157 -12.68 -20.62 3.40
CA GLY A 157 -12.70 -21.70 4.38
C GLY A 157 -14.10 -21.94 4.92
N LYS A 158 -14.46 -23.21 5.05
CA LYS A 158 -15.72 -23.62 5.62
C LYS A 158 -15.46 -24.60 6.76
N GLU A 159 -16.16 -24.42 7.87
N GLU A 159 -16.16 -24.42 7.87
CA GLU A 159 -15.98 -25.28 9.02
CA GLU A 159 -15.98 -25.28 9.02
C GLU A 159 -16.42 -26.71 8.69
C GLU A 159 -16.41 -26.71 8.70
N THR A 160 -15.56 -27.67 9.03
CA THR A 160 -15.82 -29.08 8.78
C THR A 160 -15.37 -29.87 10.00
N PRO A 161 -15.91 -31.08 10.19
CA PRO A 161 -15.51 -31.88 11.36
C PRO A 161 -14.05 -32.26 11.39
N ASP A 162 -13.31 -32.07 10.29
CA ASP A 162 -11.88 -32.40 10.23
C ASP A 162 -11.14 -31.21 9.60
N GLY A 163 -11.12 -30.10 10.32
CA GLY A 163 -10.40 -28.91 9.88
C GLY A 163 -11.32 -27.91 9.20
N ILE A 164 -10.68 -26.98 8.51
CA ILE A 164 -11.36 -25.92 7.77
C ILE A 164 -11.15 -26.20 6.29
N LYS A 165 -12.21 -26.62 5.60
CA LYS A 165 -12.11 -26.96 4.19
C LYS A 165 -11.96 -25.70 3.36
N ILE A 166 -10.86 -25.59 2.63
CA ILE A 166 -10.66 -24.50 1.68
C ILE A 166 -11.40 -24.83 0.40
N THR A 167 -12.43 -24.05 0.08
CA THR A 167 -13.30 -24.33 -1.06
C THR A 167 -12.72 -23.84 -2.38
N LEU A 168 -11.43 -24.05 -2.62
CA LEU A 168 -10.79 -23.69 -3.88
C LEU A 168 -10.32 -24.95 -4.58
N ASP A 169 -10.64 -25.06 -5.87
CA ASP A 169 -10.14 -26.18 -6.65
C ASP A 169 -8.63 -26.27 -6.55
N ASN A 170 -8.11 -27.49 -6.57
CA ASN A 170 -6.68 -27.70 -6.35
C ASN A 170 -5.84 -26.96 -7.37
N LEU A 171 -6.39 -26.69 -8.56
CA LEU A 171 -5.63 -25.95 -9.57
C LEU A 171 -5.39 -24.51 -9.13
N THR A 172 -6.42 -23.83 -8.63
CA THR A 172 -6.25 -22.48 -8.12
C THR A 172 -5.32 -22.47 -6.90
N MET A 173 -5.45 -23.47 -6.03
CA MET A 173 -4.57 -23.55 -4.87
C MET A 173 -3.12 -23.67 -5.30
N GLN A 174 -2.84 -24.44 -6.34
CA GLN A 174 -1.47 -24.57 -6.83
C GLN A 174 -0.99 -23.28 -7.46
N GLU A 175 -1.89 -22.49 -8.06
CA GLU A 175 -1.52 -21.21 -8.64
C GLU A 175 -1.11 -20.20 -7.57
N LEU A 176 -1.51 -20.41 -6.31
CA LEU A 176 -1.14 -19.50 -5.24
C LEU A 176 0.15 -19.89 -4.54
N GLY A 177 0.63 -21.12 -4.74
CA GLY A 177 1.87 -21.55 -4.15
C GLY A 177 1.75 -22.84 -3.35
N TYR A 178 0.84 -23.72 -3.75
CA TYR A 178 0.63 -24.98 -3.06
C TYR A 178 0.49 -26.13 -4.05
N SER A 185 11.55 -23.19 -2.06
CA SER A 185 12.95 -23.02 -2.45
C SER A 185 13.88 -23.65 -1.42
N SER A 186 14.29 -22.87 -0.43
CA SER A 186 15.14 -23.35 0.65
C SER A 186 14.54 -22.99 2.00
N ALA A 187 14.57 -21.70 2.34
CA ALA A 187 13.89 -21.25 3.55
C ALA A 187 12.40 -21.52 3.48
N VAL A 188 11.82 -21.39 2.28
CA VAL A 188 10.42 -21.72 2.09
C VAL A 188 10.16 -23.18 2.45
N SER A 189 11.04 -24.07 2.00
CA SER A 189 10.93 -25.47 2.38
C SER A 189 11.02 -25.63 3.89
N ARG A 190 11.84 -24.82 4.55
CA ARG A 190 11.94 -24.88 6.00
C ARG A 190 10.66 -24.38 6.67
N ILE A 191 9.93 -23.49 6.00
CA ILE A 191 8.70 -22.95 6.56
C ILE A 191 7.56 -23.95 6.38
N ILE A 192 7.27 -24.32 5.13
CA ILE A 192 6.15 -25.21 4.86
C ILE A 192 6.31 -26.52 5.62
N SER A 193 7.55 -26.91 5.94
CA SER A 193 7.76 -28.11 6.74
C SER A 193 7.24 -27.89 8.16
N LYS A 194 7.55 -26.74 8.77
CA LYS A 194 7.00 -26.42 10.08
C LYS A 194 5.47 -26.39 10.04
N LEU A 195 4.90 -25.86 8.96
CA LEU A 195 3.45 -25.81 8.85
C LEU A 195 2.87 -27.22 8.74
N LYS A 196 3.49 -28.08 7.93
CA LYS A 196 3.06 -29.47 7.86
C LYS A 196 3.40 -30.24 9.13
N GLN A 197 4.37 -29.76 9.91
CA GLN A 197 4.76 -30.41 11.16
C GLN A 197 3.90 -29.95 12.32
N GLU A 198 3.68 -28.64 12.44
CA GLU A 198 2.88 -28.09 13.52
C GLU A 198 1.38 -28.16 13.25
N LYS A 199 0.95 -29.01 12.33
CA LYS A 199 -0.47 -29.26 12.08
C LYS A 199 -1.19 -27.99 11.63
N VAL A 200 -0.51 -27.19 10.82
CA VAL A 200 -1.09 -25.95 10.30
C VAL A 200 -1.98 -26.28 9.12
N ILE A 201 -1.37 -26.75 8.03
CA ILE A 201 -2.10 -27.14 6.83
C ILE A 201 -1.91 -28.63 6.61
N VAL A 202 -2.95 -29.27 6.05
CA VAL A 202 -2.91 -30.69 5.74
C VAL A 202 -3.71 -30.92 4.47
N TYR A 203 -3.19 -31.81 3.61
CA TYR A 203 -3.86 -32.17 2.37
C TYR A 203 -4.49 -33.55 2.55
N LYS A 204 -5.81 -33.62 2.38
CA LYS A 204 -6.55 -34.85 2.62
C LYS A 204 -7.63 -35.00 1.55
N ASN A 205 -7.57 -36.11 0.82
CA ASN A 205 -8.58 -36.49 -0.18
C ASN A 205 -9.01 -35.30 -1.04
N SER A 206 -8.04 -34.82 -1.81
CA SER A 206 -8.31 -33.80 -2.83
C SER A 206 -8.92 -32.54 -2.23
N CYS A 207 -8.64 -32.27 -0.96
CA CYS A 207 -9.15 -31.07 -0.30
C CYS A 207 -8.10 -30.58 0.69
N PHE A 208 -7.98 -29.26 0.81
CA PHE A 208 -7.03 -28.64 1.72
C PHE A 208 -7.75 -28.28 3.01
N TYR A 209 -7.13 -28.62 4.15
CA TYR A 209 -7.67 -28.34 5.46
C TYR A 209 -6.62 -27.61 6.29
N VAL A 210 -7.01 -26.53 6.94
CA VAL A 210 -6.16 -25.80 7.87
C VAL A 210 -6.75 -25.98 9.27
N GLN A 211 -5.93 -26.45 10.19
CA GLN A 211 -6.38 -26.82 11.54
C GLN A 211 -5.83 -25.94 12.63
N ASN A 212 -4.59 -25.49 12.52
CA ASN A 212 -3.98 -24.63 13.54
C ASN A 212 -4.08 -23.17 13.10
N LEU A 213 -5.34 -22.70 13.04
CA LEU A 213 -5.59 -21.32 12.65
C LEU A 213 -4.87 -20.33 13.56
N ASP A 214 -4.80 -20.66 14.86
CA ASP A 214 -4.13 -19.76 15.81
C ASP A 214 -2.67 -19.55 15.43
N TYR A 215 -2.06 -20.52 14.76
CA TYR A 215 -0.68 -20.34 14.29
C TYR A 215 -0.60 -19.25 13.24
N LEU A 216 -1.54 -19.24 12.29
CA LEU A 216 -1.56 -18.21 11.27
C LEU A 216 -1.80 -16.84 11.87
N LYS A 217 -2.71 -16.78 12.86
CA LYS A 217 -2.99 -15.51 13.52
C LYS A 217 -1.83 -15.03 14.38
N ARG A 218 -1.06 -15.96 14.93
CA ARG A 218 0.04 -15.59 15.81
C ARG A 218 1.16 -14.89 15.06
N TYR A 219 1.36 -15.22 13.78
CA TYR A 219 2.45 -14.66 13.00
C TYR A 219 2.01 -13.65 11.96
N ALA A 220 0.71 -13.47 11.76
CA ALA A 220 0.16 -12.42 10.91
C ALA A 220 -0.81 -11.57 11.72
N PRO A 221 -0.36 -11.00 12.84
CA PRO A 221 -1.31 -10.34 13.75
C PRO A 221 -1.99 -9.12 13.14
N LYS A 222 -1.20 -8.21 12.53
CA LYS A 222 -1.79 -6.99 12.00
C LYS A 222 -2.69 -7.29 10.81
N LEU A 223 -2.40 -8.35 10.05
CA LEU A 223 -3.28 -8.73 8.95
C LEU A 223 -4.59 -9.29 9.48
N ASP A 224 -4.53 -10.01 10.60
CA ASP A 224 -5.77 -10.46 11.26
C ASP A 224 -6.59 -9.27 11.71
N GLU A 225 -5.94 -8.27 12.32
CA GLU A 225 -6.64 -7.03 12.65
C GLU A 225 -7.23 -6.38 11.41
N TRP A 226 -6.45 -6.33 10.33
CA TRP A 226 -6.92 -5.69 9.10
C TRP A 226 -8.18 -6.34 8.58
N PHE A 227 -8.19 -7.67 8.50
CA PHE A 227 -9.36 -8.38 7.98
C PHE A 227 -10.55 -8.23 8.93
N TYR A 228 -10.29 -8.11 10.23
CA TYR A 228 -11.36 -7.88 11.18
C TYR A 228 -12.09 -6.57 10.91
N LEU A 229 -11.33 -5.51 10.63
CA LEU A 229 -11.93 -4.20 10.38
C LEU A 229 -12.40 -4.01 8.94
N ALA A 230 -11.82 -4.74 7.99
CA ALA A 230 -12.20 -4.60 6.60
C ALA A 230 -13.37 -5.50 6.21
N CYS A 231 -13.37 -6.74 6.68
CA CYS A 231 -14.44 -7.71 6.38
C CYS A 231 -14.89 -8.34 7.68
N PRO A 232 -15.49 -7.56 8.59
CA PRO A 232 -15.86 -8.12 9.90
C PRO A 232 -16.81 -9.29 9.82
N ALA A 233 -17.82 -9.22 8.95
CA ALA A 233 -18.77 -10.33 8.82
C ALA A 233 -18.04 -11.64 8.56
N THR A 234 -17.20 -11.66 7.52
CA THR A 234 -16.46 -12.87 7.20
C THR A 234 -15.50 -13.26 8.33
N TRP A 235 -14.93 -12.28 9.02
CA TRP A 235 -13.97 -12.58 10.07
C TRP A 235 -14.60 -13.33 11.22
N GLY A 236 -15.81 -12.96 11.61
CA GLY A 236 -16.45 -13.56 12.77
C GLY A 236 -16.89 -14.99 12.56
N LYS A 237 -16.96 -15.45 11.31
CA LYS A 237 -17.47 -16.80 11.04
C LYS A 237 -16.58 -17.86 11.66
N LEU A 238 -15.27 -17.75 11.49
CA LEU A 238 -14.33 -18.76 11.98
C LEU A 238 -13.65 -18.36 13.27
N ASN A 239 -14.02 -17.24 13.88
CA ASN A 239 -13.46 -16.83 15.15
C ASN A 239 -14.46 -17.07 16.28
N ASN B 4 2.90 22.27 -4.82
CA ASN B 4 1.72 21.42 -4.96
C ASN B 4 0.47 22.29 -5.10
N ALA B 5 -0.05 22.39 -6.33
CA ALA B 5 -1.22 23.23 -6.58
C ALA B 5 -2.45 22.68 -5.89
N GLN B 6 -2.78 21.41 -6.12
CA GLN B 6 -3.96 20.83 -5.52
C GLN B 6 -3.94 20.93 -4.00
N ALA B 7 -2.74 20.87 -3.40
CA ALA B 7 -2.64 21.01 -1.95
C ALA B 7 -3.05 22.41 -1.51
N GLU B 8 -2.53 23.43 -2.19
CA GLU B 8 -2.90 24.81 -1.87
C GLU B 8 -4.40 25.03 -2.07
N GLU B 9 -4.90 24.64 -3.24
CA GLU B 9 -6.34 24.74 -3.50
C GLU B 9 -7.14 24.03 -2.41
N PHE B 10 -6.68 22.85 -1.99
CA PHE B 10 -7.36 22.11 -0.93
C PHE B 10 -7.18 22.76 0.43
N LYS B 11 -6.11 23.55 0.62
CA LYS B 11 -5.90 24.22 1.90
C LYS B 11 -6.90 25.35 2.09
N LYS B 12 -6.92 26.30 1.16
CA LYS B 12 -7.84 27.43 1.27
C LYS B 12 -9.29 26.95 1.28
N TYR B 13 -9.60 25.88 0.53
CA TYR B 13 -10.94 25.32 0.57
C TYR B 13 -11.31 24.89 1.99
N LEU B 14 -10.37 24.26 2.70
CA LEU B 14 -10.63 23.87 4.09
C LEU B 14 -10.77 25.10 4.98
N GLU B 15 -9.91 26.10 4.79
CA GLU B 15 -9.99 27.31 5.61
C GLU B 15 -11.28 28.06 5.35
N THR B 16 -11.76 28.06 4.10
CA THR B 16 -13.01 28.75 3.79
C THR B 16 -14.18 28.13 4.55
N ASN B 17 -14.17 26.81 4.71
CA ASN B 17 -15.22 26.10 5.43
C ASN B 17 -14.97 26.06 6.93
N GLY B 18 -14.07 26.89 7.45
CA GLY B 18 -13.88 26.98 8.88
C GLY B 18 -12.93 25.96 9.46
N ILE B 19 -11.96 25.48 8.69
CA ILE B 19 -10.98 24.51 9.15
C ILE B 19 -9.66 25.26 9.30
N LYS B 20 -9.26 25.50 10.54
CA LYS B 20 -8.03 26.22 10.82
C LYS B 20 -6.85 25.27 10.87
N PRO B 21 -5.66 25.71 10.45
CA PRO B 21 -4.48 24.86 10.61
C PRO B 21 -4.11 24.70 12.08
N LYS B 22 -3.49 23.57 12.39
CA LYS B 22 -3.03 23.27 13.74
C LYS B 22 -1.56 22.89 13.69
N GLN B 23 -0.80 23.40 14.66
CA GLN B 23 0.64 23.17 14.74
C GLN B 23 0.94 22.03 15.71
N PHE B 24 1.91 21.20 15.35
CA PHE B 24 2.37 20.11 16.18
C PHE B 24 3.88 20.15 16.28
N HIS B 25 4.42 19.80 17.44
N HIS B 25 4.40 19.78 17.44
CA HIS B 25 5.85 19.74 17.64
CA HIS B 25 5.83 19.73 17.70
C HIS B 25 6.31 18.29 17.69
C HIS B 25 6.31 18.28 17.65
N LYS B 26 7.63 18.11 17.60
CA LYS B 26 8.22 16.79 17.53
C LYS B 26 7.73 15.91 18.68
N LYS B 27 7.48 14.63 18.37
CA LYS B 27 7.05 13.58 19.28
C LYS B 27 5.55 13.67 19.59
N GLU B 28 4.84 14.71 19.17
CA GLU B 28 3.40 14.74 19.37
C GLU B 28 2.71 13.74 18.46
N LEU B 29 1.56 13.24 18.91
CA LEU B 29 0.74 12.31 18.14
C LEU B 29 -0.47 13.06 17.61
N ILE B 30 -0.56 13.19 16.28
CA ILE B 30 -1.74 13.78 15.67
C ILE B 30 -2.98 12.97 16.05
N PHE B 31 -2.83 11.65 16.19
CA PHE B 31 -3.86 10.83 16.81
C PHE B 31 -3.20 9.53 17.26
N ASN B 32 -3.88 8.83 18.16
CA ASN B 32 -3.39 7.57 18.71
C ASN B 32 -4.34 6.45 18.33
N GLN B 33 -3.91 5.21 18.62
CA GLN B 33 -4.67 4.05 18.20
C GLN B 33 -5.99 3.93 18.95
N TRP B 34 -6.08 4.47 20.17
CA TRP B 34 -7.26 4.29 20.99
C TRP B 34 -8.32 5.36 20.78
N ASP B 35 -8.00 6.41 20.04
CA ASP B 35 -8.99 7.44 19.75
C ASP B 35 -10.15 6.83 18.97
N PRO B 36 -11.38 6.85 19.48
CA PRO B 36 -12.50 6.26 18.73
C PRO B 36 -12.96 7.09 17.56
N GLN B 37 -12.55 8.36 17.47
CA GLN B 37 -12.95 9.22 16.38
C GLN B 37 -12.08 8.96 15.16
N GLU B 38 -12.72 8.70 14.01
CA GLU B 38 -12.01 8.56 12.75
C GLU B 38 -11.67 9.94 12.20
N TYR B 39 -10.46 10.08 11.66
CA TYR B 39 -9.96 11.37 11.22
C TYR B 39 -9.51 11.31 9.77
N CYS B 40 -9.42 12.50 9.17
CA CYS B 40 -8.77 12.69 7.88
C CYS B 40 -7.71 13.77 8.07
N ILE B 41 -6.48 13.34 8.30
CA ILE B 41 -5.38 14.27 8.56
C ILE B 41 -4.85 14.77 7.22
N PHE B 42 -5.02 16.06 6.96
CA PHE B 42 -4.41 16.71 5.80
C PHE B 42 -3.12 17.35 6.27
N LEU B 43 -2.06 16.55 6.30
CA LEU B 43 -0.73 17.07 6.63
C LEU B 43 -0.28 18.03 5.54
N TYR B 44 -0.19 19.31 5.87
CA TYR B 44 0.19 20.33 4.91
C TYR B 44 1.68 20.67 4.94
N ASP B 45 2.34 20.44 6.07
CA ASP B 45 3.76 20.75 6.19
C ASP B 45 4.31 19.99 7.39
N GLY B 46 5.49 19.41 7.21
CA GLY B 46 6.14 18.63 8.24
C GLY B 46 6.30 17.17 7.82
N ILE B 47 6.86 16.39 8.75
CA ILE B 47 7.14 14.98 8.52
C ILE B 47 6.57 14.19 9.70
N THR B 48 5.98 13.03 9.40
CA THR B 48 5.34 12.20 10.39
C THR B 48 5.60 10.73 10.06
N LYS B 49 5.37 9.88 11.04
CA LYS B 49 5.47 8.43 10.85
C LYS B 49 4.23 7.77 11.41
N LEU B 50 3.78 6.73 10.70
CA LEU B 50 2.68 5.90 11.17
C LEU B 50 3.27 4.70 11.90
N THR B 51 2.80 4.47 13.13
CA THR B 51 3.35 3.43 13.99
C THR B 51 2.24 2.52 14.49
N SER B 52 2.62 1.28 14.78
CA SER B 52 1.74 0.28 15.37
C SER B 52 2.50 -0.42 16.49
N ILE B 53 1.78 -0.76 17.56
CA ILE B 53 2.35 -1.40 18.73
C ILE B 53 2.06 -2.89 18.67
N SER B 54 3.10 -3.70 18.84
CA SER B 54 2.93 -5.14 18.86
C SER B 54 2.54 -5.62 20.25
N GLU B 55 2.23 -6.91 20.35
CA GLU B 55 1.89 -7.49 21.66
C GLU B 55 3.04 -7.29 22.65
N ASN B 56 4.26 -7.57 22.21
CA ASN B 56 5.42 -7.41 23.08
C ASN B 56 5.63 -5.97 23.52
N GLY B 57 4.93 -5.00 22.91
CA GLY B 57 5.13 -3.61 23.20
C GLY B 57 6.12 -2.90 22.31
N THR B 58 6.70 -3.61 21.34
CA THR B 58 7.68 -3.02 20.44
C THR B 58 6.96 -2.16 19.40
N ILE B 59 7.39 -0.89 19.30
CA ILE B 59 6.82 0.00 18.30
C ILE B 59 7.34 -0.38 16.93
N MET B 60 6.48 -0.24 15.92
CA MET B 60 6.82 -0.61 14.54
C MET B 60 6.61 0.60 13.65
N ASN B 61 7.67 0.99 12.92
CA ASN B 61 7.56 2.02 11.90
C ASN B 61 6.98 1.39 10.64
N LEU B 62 5.84 1.90 10.19
CA LEU B 62 5.14 1.35 9.03
C LEU B 62 5.20 2.24 7.81
N GLN B 63 5.22 3.56 7.98
CA GLN B 63 5.12 4.46 6.84
C GLN B 63 5.53 5.85 7.28
N TYR B 64 6.22 6.57 6.39
CA TYR B 64 6.57 7.97 6.61
C TYR B 64 5.72 8.84 5.70
N TYR B 65 5.30 10.00 6.22
CA TYR B 65 4.48 10.94 5.48
C TYR B 65 5.08 12.33 5.55
N LYS B 66 4.96 13.07 4.45
CA LYS B 66 5.34 14.48 4.42
C LYS B 66 4.22 15.29 3.79
N GLY B 67 4.05 16.52 4.26
CA GLY B 67 3.06 17.40 3.69
C GLY B 67 3.55 17.97 2.37
N ALA B 68 2.67 18.24 1.41
CA ALA B 68 1.23 18.04 1.56
C ALA B 68 0.84 16.60 1.25
N PHE B 69 -0.02 16.02 2.10
CA PHE B 69 -0.49 14.67 1.89
C PHE B 69 -1.65 14.42 2.83
N VAL B 70 -2.41 13.36 2.55
CA VAL B 70 -3.61 13.01 3.30
C VAL B 70 -3.41 11.66 3.97
N ILE B 71 -3.88 11.55 5.21
CA ILE B 71 -3.85 10.30 5.97
C ILE B 71 -5.21 10.13 6.64
N MET B 72 -5.92 9.06 6.31
CA MET B 72 -7.25 8.80 6.85
C MET B 72 -7.23 7.56 7.73
N SER B 73 -7.90 7.66 8.89
CA SER B 73 -7.94 6.58 9.86
C SER B 73 -9.25 5.82 9.85
N GLY B 74 -10.21 6.21 9.02
CA GLY B 74 -11.47 5.50 8.93
C GLY B 74 -11.92 5.38 7.49
N PHE B 75 -12.63 4.29 7.20
CA PHE B 75 -13.19 4.08 5.88
C PHE B 75 -14.28 5.11 5.60
N ILE B 76 -14.20 5.76 4.44
CA ILE B 76 -15.09 6.89 4.16
C ILE B 76 -16.54 6.45 4.02
N ASP B 77 -16.79 5.16 3.75
CA ASP B 77 -18.16 4.69 3.55
C ASP B 77 -18.79 4.24 4.87
N THR B 78 -18.22 3.22 5.51
CA THR B 78 -18.77 2.71 6.76
C THR B 78 -18.35 3.55 7.97
N GLU B 79 -17.33 4.39 7.82
CA GLU B 79 -16.84 5.25 8.89
C GLU B 79 -16.26 4.46 10.05
N THR B 80 -15.88 3.20 9.80
CA THR B 80 -15.18 2.41 10.81
C THR B 80 -13.67 2.55 10.62
N SER B 81 -12.93 2.16 11.65
CA SER B 81 -11.48 2.34 11.66
C SER B 81 -10.81 1.43 10.64
N VAL B 82 -9.72 1.94 10.07
CA VAL B 82 -8.93 1.13 9.14
C VAL B 82 -7.92 0.26 9.91
N GLY B 83 -7.54 0.70 11.10
CA GLY B 83 -6.59 -0.05 11.90
C GLY B 83 -6.30 0.70 13.18
N TYR B 84 -5.41 0.11 13.98
CA TYR B 84 -4.95 0.70 15.23
C TYR B 84 -3.55 1.26 14.99
N TYR B 85 -3.49 2.55 14.68
CA TYR B 85 -2.24 3.22 14.35
C TYR B 85 -2.09 4.48 15.19
N ASN B 86 -0.84 4.89 15.36
CA ASN B 86 -0.52 6.21 15.88
C ASN B 86 0.20 7.00 14.80
N LEU B 87 0.02 8.32 14.82
CA LEU B 87 0.63 9.20 13.84
C LEU B 87 1.51 10.21 14.58
N GLU B 88 2.81 9.95 14.61
CA GLU B 88 3.77 10.75 15.36
C GLU B 88 4.46 11.76 14.46
N VAL B 89 4.86 12.87 15.04
CA VAL B 89 5.60 13.92 14.34
C VAL B 89 7.08 13.58 14.39
N ILE B 90 7.76 13.78 13.26
CA ILE B 90 9.19 13.51 13.13
C ILE B 90 9.99 14.79 13.01
N SER B 91 9.46 15.79 12.30
CA SER B 91 10.13 17.08 12.21
C SER B 91 9.97 17.85 13.52
N GLU B 92 10.68 18.97 13.61
CA GLU B 92 10.55 19.82 14.80
C GLU B 92 9.18 20.47 14.86
N GLN B 93 8.57 20.74 13.70
CA GLN B 93 7.23 21.30 13.63
C GLN B 93 6.50 20.66 12.46
N ALA B 94 5.17 20.78 12.47
CA ALA B 94 4.35 20.22 11.42
C ALA B 94 2.98 20.88 11.44
N THR B 95 2.47 21.20 10.26
CA THR B 95 1.16 21.81 10.10
C THR B 95 0.20 20.81 9.47
N ALA B 96 -0.95 20.61 10.12
CA ALA B 96 -1.92 19.63 9.65
C ALA B 96 -3.34 20.14 9.92
N TYR B 97 -4.23 19.91 8.96
CA TYR B 97 -5.64 20.22 9.09
C TYR B 97 -6.38 18.95 9.50
N VAL B 98 -6.85 18.92 10.74
CA VAL B 98 -7.56 17.76 11.28
C VAL B 98 -9.03 17.88 10.94
N ILE B 99 -9.60 16.82 10.37
CA ILE B 99 -10.97 16.82 9.88
C ILE B 99 -11.64 15.53 10.31
N LYS B 100 -12.81 15.64 10.94
CA LYS B 100 -13.57 14.46 11.33
C LYS B 100 -14.12 13.77 10.09
N ILE B 101 -14.28 12.45 10.19
CA ILE B 101 -14.68 11.66 9.04
C ILE B 101 -16.00 12.16 8.47
N ASN B 102 -16.95 12.50 9.34
CA ASN B 102 -18.25 12.99 8.88
C ASN B 102 -18.11 14.31 8.14
N GLU B 103 -17.38 15.26 8.74
CA GLU B 103 -17.21 16.57 8.12
C GLU B 103 -16.46 16.49 6.80
N LEU B 104 -15.73 15.38 6.56
CA LEU B 104 -15.03 15.23 5.28
C LEU B 104 -16.01 14.88 4.16
N LYS B 105 -16.91 13.93 4.41
CA LYS B 105 -17.90 13.57 3.39
C LYS B 105 -18.72 14.78 2.98
N GLU B 106 -19.03 15.66 3.94
CA GLU B 106 -19.77 16.87 3.62
C GLU B 106 -18.95 17.79 2.72
N LEU B 107 -17.64 17.89 2.97
CA LEU B 107 -16.79 18.75 2.16
C LEU B 107 -16.61 18.17 0.76
N LEU B 108 -16.32 16.88 0.66
CA LEU B 108 -16.09 16.27 -0.65
C LEU B 108 -17.34 16.24 -1.50
N SER B 109 -18.51 16.06 -0.86
CA SER B 109 -19.76 16.02 -1.61
C SER B 109 -20.09 17.35 -2.27
N LYS B 110 -19.57 18.45 -1.73
CA LYS B 110 -19.84 19.77 -2.31
C LYS B 110 -18.94 20.05 -3.50
N ASN B 111 -17.66 19.68 -3.41
CA ASN B 111 -16.69 19.92 -4.48
C ASN B 111 -15.97 18.61 -4.76
N LEU B 112 -16.23 18.03 -5.92
CA LEU B 112 -15.61 16.77 -6.30
C LEU B 112 -14.17 16.94 -6.76
N THR B 113 -13.75 18.16 -7.12
CA THR B 113 -12.36 18.39 -7.48
C THR B 113 -11.43 17.97 -6.37
N HIS B 114 -11.77 18.30 -5.13
CA HIS B 114 -10.94 17.88 -3.99
C HIS B 114 -11.10 16.40 -3.71
N PHE B 115 -12.27 15.84 -3.99
CA PHE B 115 -12.45 14.39 -3.88
C PHE B 115 -11.41 13.66 -4.73
N PHE B 116 -11.21 14.12 -5.96
CA PHE B 116 -10.24 13.47 -6.84
C PHE B 116 -8.82 13.63 -6.30
N TYR B 117 -8.49 14.79 -5.75
CA TYR B 117 -7.16 14.99 -5.17
C TYR B 117 -6.88 13.96 -4.08
N VAL B 118 -7.81 13.80 -3.13
CA VAL B 118 -7.62 12.81 -2.07
C VAL B 118 -7.62 11.41 -2.68
N PHE B 119 -8.51 11.17 -3.65
CA PHE B 119 -8.53 9.89 -4.34
C PHE B 119 -7.16 9.56 -4.92
N GLN B 120 -6.50 10.55 -5.53
CA GLN B 120 -5.20 10.33 -6.15
C GLN B 120 -4.13 10.03 -5.11
N THR B 121 -4.18 10.71 -3.95
CA THR B 121 -3.16 10.50 -2.93
C THR B 121 -3.14 9.05 -2.46
N LEU B 122 -4.31 8.42 -2.34
CA LEU B 122 -4.35 7.01 -1.99
C LEU B 122 -3.75 6.16 -3.08
N GLN B 123 -4.10 6.44 -4.35
CA GLN B 123 -3.52 5.71 -5.46
C GLN B 123 -2.00 5.79 -5.43
N LYS B 124 -1.45 6.98 -5.18
CA LYS B 124 0.00 7.12 -5.08
C LYS B 124 0.57 6.25 -3.97
N GLN B 125 -0.16 6.13 -2.86
CA GLN B 125 0.31 5.31 -1.75
C GLN B 125 0.22 3.83 -2.08
N VAL B 126 -0.83 3.42 -2.80
CA VAL B 126 -1.00 2.02 -3.17
C VAL B 126 0.14 1.57 -4.07
N SER B 127 0.43 2.35 -5.12
CA SER B 127 1.49 1.98 -6.04
C SER B 127 2.87 2.12 -5.41
N TYR B 128 3.01 2.97 -4.39
CA TYR B 128 4.28 3.10 -3.69
C TYR B 128 4.67 1.78 -3.03
N SER B 129 3.75 1.17 -2.30
CA SER B 129 4.05 -0.08 -1.61
C SER B 129 4.37 -1.19 -2.61
N LEU B 130 3.57 -1.30 -3.68
CA LEU B 130 3.84 -2.33 -4.68
C LEU B 130 5.22 -2.17 -5.29
N ALA B 131 5.63 -0.92 -5.56
CA ALA B 131 6.95 -0.68 -6.11
C ALA B 131 8.03 -1.01 -5.10
N LYS B 132 7.88 -0.55 -3.85
CA LYS B 132 8.87 -0.82 -2.83
C LYS B 132 9.05 -2.32 -2.63
N PHE B 133 7.93 -3.05 -2.53
CA PHE B 133 8.02 -4.50 -2.43
C PHE B 133 8.65 -5.13 -3.66
N ASN B 134 8.41 -4.54 -4.84
CA ASN B 134 9.03 -5.07 -6.06
C ASN B 134 10.54 -4.93 -6.01
N ASP B 135 11.03 -3.76 -5.59
CA ASP B 135 12.48 -3.56 -5.47
C ASP B 135 13.06 -4.48 -4.41
N PHE B 136 12.33 -4.73 -3.33
CA PHE B 136 12.82 -5.63 -2.29
C PHE B 136 12.85 -7.07 -2.79
N SER B 137 11.88 -7.47 -3.60
CA SER B 137 11.88 -8.82 -4.16
C SER B 137 13.06 -9.04 -5.10
N ILE B 138 13.54 -7.98 -5.74
CA ILE B 138 14.66 -8.09 -6.68
C ILE B 138 16.00 -7.94 -5.98
N ASN B 139 16.10 -7.05 -5.00
CA ASN B 139 17.38 -6.71 -4.38
C ASN B 139 17.37 -6.78 -2.86
N GLY B 140 16.27 -7.24 -2.27
CA GLY B 140 16.24 -7.40 -0.82
C GLY B 140 16.52 -6.11 -0.10
N LYS B 141 17.28 -6.21 1.01
CA LYS B 141 17.56 -5.03 1.82
C LYS B 141 18.25 -3.95 1.01
N LEU B 142 19.13 -4.34 0.08
CA LEU B 142 19.80 -3.33 -0.75
C LEU B 142 18.80 -2.46 -1.48
N GLY B 143 17.74 -3.06 -2.02
CA GLY B 143 16.73 -2.28 -2.71
C GLY B 143 15.99 -1.34 -1.79
N SER B 144 15.68 -1.80 -0.57
CA SER B 144 14.98 -0.98 0.40
C SER B 144 15.81 0.23 0.79
N ILE B 145 17.10 0.02 1.10
CA ILE B 145 17.97 1.12 1.48
C ILE B 145 18.06 2.14 0.36
N CYS B 146 18.46 1.69 -0.83
CA CYS B 146 18.59 2.61 -1.96
C CYS B 146 17.25 3.25 -2.29
N GLY B 147 16.15 2.55 -2.06
CA GLY B 147 14.84 3.13 -2.32
C GLY B 147 14.57 4.34 -1.45
N GLN B 148 14.75 4.19 -0.13
CA GLN B 148 14.51 5.31 0.76
C GLN B 148 15.48 6.46 0.48
N LEU B 149 16.75 6.13 0.23
CA LEU B 149 17.72 7.17 -0.12
C LEU B 149 17.33 7.85 -1.42
N LEU B 150 16.83 7.09 -2.40
CA LEU B 150 16.43 7.67 -3.68
C LEU B 150 15.31 8.68 -3.48
N ILE B 151 14.28 8.30 -2.73
CA ILE B 151 13.15 9.22 -2.51
C ILE B 151 13.63 10.46 -1.75
N LEU B 152 14.40 10.26 -0.68
CA LEU B 152 14.94 11.39 0.06
C LEU B 152 15.71 12.34 -0.85
N THR B 153 16.38 11.79 -1.88
CA THR B 153 17.14 12.64 -2.79
C THR B 153 16.22 13.44 -3.68
N TYR B 154 15.24 12.78 -4.30
CA TYR B 154 14.31 13.48 -5.18
C TYR B 154 13.54 14.57 -4.44
N VAL B 155 13.22 14.35 -3.18
CA VAL B 155 12.37 15.28 -2.43
C VAL B 155 13.19 16.41 -1.81
N TYR B 156 14.23 16.06 -1.06
CA TYR B 156 15.04 17.04 -0.33
C TYR B 156 16.39 17.31 -0.97
N GLY B 157 16.59 16.86 -2.21
CA GLY B 157 17.88 17.02 -2.87
C GLY B 157 17.93 18.26 -3.73
N LYS B 158 19.07 18.95 -3.66
CA LYS B 158 19.34 20.12 -4.48
C LYS B 158 20.71 19.97 -5.12
N GLU B 159 20.75 20.08 -6.45
CA GLU B 159 21.96 19.84 -7.23
C GLU B 159 22.93 20.99 -7.00
N THR B 160 23.87 20.81 -6.09
CA THR B 160 24.91 21.78 -5.81
C THR B 160 26.22 21.38 -6.46
N PRO B 161 27.20 22.29 -6.53
CA PRO B 161 28.50 21.90 -7.07
C PRO B 161 29.13 20.72 -6.35
N ASP B 162 28.86 20.56 -5.06
CA ASP B 162 29.38 19.45 -4.27
C ASP B 162 28.47 18.23 -4.30
N GLY B 163 27.65 18.10 -5.36
CA GLY B 163 26.74 16.98 -5.46
C GLY B 163 25.30 17.37 -5.21
N ILE B 164 24.51 16.45 -4.67
CA ILE B 164 23.09 16.67 -4.39
C ILE B 164 22.96 16.75 -2.87
N LYS B 165 22.78 17.96 -2.35
CA LYS B 165 22.65 18.15 -0.91
C LYS B 165 21.24 17.81 -0.46
N ILE B 166 21.13 17.04 0.62
CA ILE B 166 19.85 16.64 1.18
C ILE B 166 19.47 17.68 2.23
N THR B 167 18.67 18.66 1.82
CA THR B 167 18.23 19.71 2.73
C THR B 167 17.34 19.13 3.82
N LEU B 168 17.94 18.67 4.91
CA LEU B 168 17.18 18.08 6.01
C LEU B 168 18.05 18.11 7.26
N ASP B 169 17.47 18.56 8.37
CA ASP B 169 18.21 18.66 9.62
C ASP B 169 18.88 17.34 9.95
N ASN B 170 20.05 17.43 10.57
CA ASN B 170 20.78 16.22 10.97
C ASN B 170 19.97 15.40 11.96
N LEU B 171 19.22 16.07 12.85
CA LEU B 171 18.40 15.34 13.82
C LEU B 171 17.20 14.69 13.14
N THR B 172 16.68 15.29 12.07
CA THR B 172 15.64 14.64 11.29
C THR B 172 16.19 13.41 10.58
N MET B 173 17.32 13.56 9.88
CA MET B 173 17.99 12.41 9.29
C MET B 173 18.28 11.35 10.35
N GLN B 174 18.66 11.78 11.56
CA GLN B 174 18.92 10.85 12.64
C GLN B 174 17.68 10.07 13.02
N GLU B 175 16.51 10.69 12.93
CA GLU B 175 15.26 10.00 13.25
C GLU B 175 14.86 9.03 12.15
N LEU B 176 15.41 9.18 10.95
CA LEU B 176 15.14 8.25 9.85
C LEU B 176 16.14 7.11 9.78
N GLY B 177 17.11 7.06 10.70
CA GLY B 177 18.09 5.99 10.72
C GLY B 177 19.32 6.28 9.88
N TYR B 178 19.83 7.52 9.96
CA TYR B 178 21.00 7.95 9.20
C TYR B 178 21.93 8.70 10.16
N SER B 179 22.70 7.95 10.94
CA SER B 179 23.61 8.54 11.92
C SER B 179 24.57 7.47 12.39
N SER B 180 25.84 7.84 12.50
CA SER B 180 26.85 6.91 12.99
C SER B 180 26.58 6.56 14.45
N GLY B 181 26.71 5.28 14.77
CA GLY B 181 26.43 4.78 16.09
C GLY B 181 25.08 4.11 16.25
N ILE B 182 24.24 4.14 15.23
CA ILE B 182 22.94 3.49 15.29
C ILE B 182 23.11 1.99 15.32
N ALA B 183 22.19 1.30 16.01
CA ALA B 183 22.22 -0.16 16.08
C ALA B 183 21.86 -0.74 14.72
N HIS B 184 22.83 -1.39 14.08
CA HIS B 184 22.65 -1.94 12.74
C HIS B 184 22.84 -3.46 12.76
N SER B 185 22.23 -4.11 11.78
CA SER B 185 22.42 -5.54 11.58
C SER B 185 23.71 -5.80 10.81
N SER B 186 24.17 -7.05 10.88
CA SER B 186 25.38 -7.43 10.14
C SER B 186 25.18 -7.20 8.64
N ALA B 187 24.07 -7.70 8.10
CA ALA B 187 23.80 -7.53 6.67
C ALA B 187 23.68 -6.06 6.31
N VAL B 188 22.98 -5.28 7.14
CA VAL B 188 22.83 -3.86 6.87
C VAL B 188 24.19 -3.16 6.95
N SER B 189 25.03 -3.57 7.90
CA SER B 189 26.34 -2.97 8.05
C SER B 189 27.17 -3.14 6.77
N ARG B 190 27.08 -4.30 6.13
CA ARG B 190 27.84 -4.54 4.91
C ARG B 190 27.29 -3.75 3.74
N ILE B 191 25.98 -3.49 3.73
CA ILE B 191 25.38 -2.72 2.64
C ILE B 191 25.79 -1.26 2.74
N ILE B 192 25.63 -0.66 3.91
CA ILE B 192 26.02 0.74 4.10
C ILE B 192 27.52 0.89 3.91
N SER B 193 28.31 -0.11 4.32
CA SER B 193 29.75 -0.06 4.09
C SER B 193 30.06 0.12 2.62
N LYS B 194 29.42 -0.68 1.76
CA LYS B 194 29.64 -0.53 0.32
C LYS B 194 29.14 0.82 -0.17
N LEU B 195 27.93 1.20 0.23
CA LEU B 195 27.39 2.51 -0.13
C LEU B 195 28.36 3.61 0.26
N LYS B 196 29.03 3.46 1.41
CA LYS B 196 30.05 4.42 1.81
C LYS B 196 31.25 4.37 0.88
N GLN B 197 31.80 3.18 0.65
CA GLN B 197 33.00 3.06 -0.19
C GLN B 197 32.74 3.61 -1.58
N GLU B 198 31.63 3.22 -2.20
CA GLU B 198 31.31 3.64 -3.56
C GLU B 198 30.69 5.03 -3.61
N LYS B 199 30.81 5.81 -2.54
CA LYS B 199 30.33 7.19 -2.54
C LYS B 199 28.86 7.27 -2.90
N VAL B 200 27.99 6.94 -1.97
CA VAL B 200 26.54 7.09 -2.13
C VAL B 200 26.00 8.19 -1.21
N ILE B 201 26.21 8.05 0.09
CA ILE B 201 25.91 9.10 1.07
C ILE B 201 27.22 9.48 1.75
N VAL B 202 27.53 10.77 1.75
CA VAL B 202 28.79 11.27 2.28
C VAL B 202 28.51 12.33 3.34
N TYR B 203 29.39 12.40 4.33
CA TYR B 203 29.29 13.33 5.44
C TYR B 203 30.34 14.43 5.22
N LYS B 204 29.93 15.51 4.56
CA LYS B 204 30.81 16.63 4.25
C LYS B 204 30.22 17.91 4.81
N ASN B 205 31.07 18.72 5.44
CA ASN B 205 30.63 19.98 6.06
C ASN B 205 29.46 19.74 7.01
N SER B 206 29.40 18.55 7.60
CA SER B 206 28.34 18.11 8.49
C SER B 206 27.02 17.91 7.75
N CYS B 207 26.98 18.11 6.44
CA CYS B 207 25.77 17.94 5.65
C CYS B 207 25.89 16.71 4.76
N PHE B 208 24.74 16.11 4.45
CA PHE B 208 24.69 14.90 3.66
C PHE B 208 24.56 15.23 2.18
N TYR B 209 25.44 14.64 1.37
CA TYR B 209 25.40 14.79 -0.08
C TYR B 209 25.24 13.42 -0.72
N VAL B 210 24.84 13.43 -1.99
CA VAL B 210 24.65 12.21 -2.78
C VAL B 210 25.53 12.33 -4.01
N GLN B 211 26.54 11.47 -4.10
CA GLN B 211 27.52 11.56 -5.18
C GLN B 211 27.00 10.91 -6.46
N ASN B 212 26.78 9.59 -6.42
N ASN B 212 26.78 9.60 -6.42
CA ASN B 212 26.32 8.85 -7.59
CA ASN B 212 26.32 8.84 -7.58
C ASN B 212 24.83 8.57 -7.44
C ASN B 212 24.82 8.58 -7.44
N LEU B 213 24.03 9.19 -8.31
CA LEU B 213 22.60 8.92 -8.34
C LEU B 213 22.28 7.66 -9.14
N ASP B 214 23.21 7.22 -9.99
CA ASP B 214 22.96 6.03 -10.80
C ASP B 214 22.92 4.77 -9.94
N TYR B 215 23.77 4.70 -8.91
CA TYR B 215 23.79 3.52 -8.06
C TYR B 215 22.43 3.33 -7.38
N LEU B 216 21.87 4.41 -6.82
CA LEU B 216 20.56 4.33 -6.19
C LEU B 216 19.50 3.96 -7.22
N LYS B 217 19.55 4.56 -8.41
CA LYS B 217 18.58 4.24 -9.45
C LYS B 217 18.68 2.80 -9.90
N ARG B 218 19.88 2.22 -9.86
CA ARG B 218 20.09 0.88 -10.42
C ARG B 218 19.41 -0.18 -9.57
N TYR B 219 19.61 -0.15 -8.26
CA TYR B 219 19.09 -1.16 -7.36
C TYR B 219 17.74 -0.77 -6.76
N ALA B 220 17.07 0.24 -7.32
CA ALA B 220 15.72 0.59 -6.91
C ALA B 220 14.97 1.14 -8.11
N PRO B 221 14.89 0.38 -9.21
CA PRO B 221 14.29 0.94 -10.43
C PRO B 221 12.79 1.13 -10.33
N LYS B 222 12.08 0.27 -9.60
CA LYS B 222 10.62 0.36 -9.55
C LYS B 222 10.17 1.59 -8.77
N LEU B 223 10.90 1.95 -7.71
CA LEU B 223 10.59 3.20 -7.01
C LEU B 223 10.89 4.41 -7.89
N ASP B 224 12.01 4.37 -8.61
CA ASP B 224 12.30 5.45 -9.55
C ASP B 224 11.21 5.55 -10.61
N GLU B 225 10.79 4.41 -11.16
CA GLU B 225 9.64 4.41 -12.05
C GLU B 225 8.41 4.97 -11.34
N TRP B 226 8.18 4.56 -10.10
CA TRP B 226 7.02 5.06 -9.35
C TRP B 226 7.09 6.57 -9.20
N PHE B 227 8.24 7.07 -8.73
CA PHE B 227 8.34 8.51 -8.47
C PHE B 227 8.20 9.32 -9.75
N TYR B 228 8.65 8.77 -10.88
CA TYR B 228 8.48 9.46 -12.15
C TYR B 228 7.00 9.57 -12.53
N LEU B 229 6.22 8.54 -12.25
CA LEU B 229 4.80 8.57 -12.57
C LEU B 229 3.99 9.34 -11.55
N ALA B 230 4.39 9.31 -10.28
CA ALA B 230 3.62 9.99 -9.24
C ALA B 230 4.00 11.46 -9.13
N CYS B 231 5.30 11.75 -9.12
CA CYS B 231 5.81 13.12 -8.98
C CYS B 231 6.78 13.39 -10.12
N PRO B 232 6.27 13.51 -11.35
CA PRO B 232 7.16 13.75 -12.49
C PRO B 232 7.91 15.07 -12.41
N ALA B 233 7.24 16.14 -11.99
CA ALA B 233 7.91 17.43 -11.88
C ALA B 233 9.14 17.35 -10.99
N THR B 234 8.99 16.71 -9.82
CA THR B 234 10.15 16.53 -8.94
C THR B 234 11.16 15.58 -9.54
N TRP B 235 10.70 14.57 -10.29
CA TRP B 235 11.62 13.60 -10.88
C TRP B 235 12.47 14.24 -11.97
N GLY B 236 11.91 15.20 -12.73
CA GLY B 236 12.65 15.83 -13.79
C GLY B 236 13.79 16.70 -13.31
N LYS B 237 13.75 17.16 -12.06
CA LYS B 237 14.82 18.00 -11.53
C LYS B 237 16.18 17.33 -11.67
N LEU B 238 16.35 16.19 -11.02
CA LEU B 238 17.63 15.48 -11.00
C LEU B 238 17.78 14.49 -12.14
N ASN B 239 17.32 14.86 -13.34
CA ASN B 239 17.47 14.00 -14.52
C ASN B 239 17.64 14.85 -15.77
O01 BYK C . -13.35 -7.88 0.15
C02 BYK C . -12.19 -8.14 -0.19
O03 BYK C . -11.84 -8.64 -1.29
C04 BYK C . -11.05 -7.83 0.77
C05 BYK C . -10.84 -6.33 0.93
S06 BYK C . -9.50 -5.88 -0.20
C07 BYK C . -8.85 -7.52 -0.23
C08 BYK C . -7.63 -7.97 -0.68
N09 BYK C . -6.68 -7.03 -1.21
C10 BYK C . -6.96 -6.57 -2.57
C11 BYK C . -6.34 -5.91 -0.32
C12 BYK C . -7.32 -9.38 -0.59
C13 BYK C . -5.97 -9.82 -1.10
C14 BYK C . -5.73 -11.32 -0.97
C15 BYK C . -4.91 -11.81 0.01
C16 BYK C . -4.64 -13.18 0.19
C17 BYK C . -5.20 -14.11 -0.66
C18 BYK C . -6.06 -13.68 -1.69
C19 BYK C . -6.66 -14.61 -2.58
C20 BYK C . -7.49 -14.15 -3.59
C21 BYK C . -7.75 -12.77 -3.75
C22 BYK C . -7.17 -11.86 -2.90
C23 BYK C . -6.31 -12.28 -1.85
C24 BYK C . -8.23 -10.27 -0.09
C25 BYK C . -9.52 -9.80 0.39
O26 BYK C . -10.36 -10.56 0.85
N27 BYK C . -9.78 -8.41 0.30
C1 IPA D . -1.83 -0.17 -7.96
C2 IPA D . -3.07 -0.69 -8.71
C3 IPA D . -2.73 -1.21 -10.10
O2 IPA D . -3.65 -1.73 -7.95
O01 BYK E . 4.06 13.65 -3.48
C02 BYK E . 4.26 12.88 -2.52
O03 BYK E . 4.03 13.14 -1.33
C04 BYK E . 4.82 11.51 -2.87
C05 BYK E . 3.75 10.60 -3.47
S06 BYK E . 3.14 9.57 -2.10
C07 BYK E . 4.61 9.80 -1.16
C08 BYK E . 5.06 9.10 -0.06
N09 BYK E . 4.29 8.02 0.48
C10 BYK E . 3.17 8.41 1.34
C11 BYK E . 3.89 6.99 -0.48
C12 BYK E . 6.31 9.48 0.56
C13 BYK E . 6.75 8.68 1.76
C14 BYK E . 8.26 8.67 1.95
C15 BYK E . 9.04 7.77 1.28
C16 BYK E . 10.44 7.70 1.40
C17 BYK E . 11.10 8.58 2.23
C18 BYK E . 10.35 9.54 2.96
C19 BYK E . 11.00 10.45 3.83
C20 BYK E . 10.26 11.38 4.53
C21 BYK E . 8.85 11.43 4.39
C22 BYK E . 8.21 10.55 3.55
C23 BYK E . 8.94 9.58 2.81
C24 BYK E . 7.07 10.50 0.06
C25 BYK E . 6.60 11.24 -1.10
O26 BYK E . 7.24 12.17 -1.58
N27 BYK E . 5.36 10.85 -1.67
O01 C8N F . 1.21 -11.40 -0.50
C02 C8N F . 2.37 -11.37 -0.96
O03 C8N F . 3.17 -12.33 -0.97
C04 C8N F . 2.88 -10.08 -1.58
C05 C8N F . 1.78 -9.38 -2.38
S06 C8N F . 2.05 -7.60 -2.17
C07 C8N F . 2.98 -7.81 -0.69
C08 C8N F . 3.34 -6.88 0.27
N09 C8N F . 2.95 -5.52 0.12
C10 C8N F . 3.79 -4.73 -0.78
C11 C8N F . 1.54 -5.29 -0.14
C12 C8N F . 4.11 -7.31 1.41
C13 C8N F . 4.47 -6.24 2.41
C14 C8N F . 5.90 -5.75 2.25
C15 C8N F . 6.95 -6.60 2.47
C16 C8N F . 8.30 -6.23 2.34
C17 C8N F . 8.62 -4.93 1.98
C18 C8N F . 7.59 -4.00 1.75
C19 C8N F . 7.89 -2.67 1.38
C20 C8N F . 6.87 -1.78 1.15
C21 C8N F . 5.52 -2.17 1.28
C22 C8N F . 5.21 -3.47 1.64
C23 C8N F . 6.24 -4.41 1.88
C24 C8N F . 4.49 -8.61 1.57
C25 C8N F . 4.11 -9.60 0.57
O26 C8N F . 4.44 -10.79 0.68
N27 C8N F . 3.36 -9.14 -0.55
C1 IPA G . -4.36 3.36 6.41
C2 IPA G . -4.01 4.74 6.95
C3 IPA G . -4.13 4.83 8.47
O2 IPA G . -2.68 5.04 6.59
#